data_3OC9
#
_entry.id   3OC9
#
_cell.length_a   76.520
_cell.length_b   77.540
_cell.length_c   86.870
_cell.angle_alpha   90.000
_cell.angle_beta   90.000
_cell.angle_gamma   90.000
#
_symmetry.space_group_name_H-M   'P 21 21 21'
#
loop_
_entity.id
_entity.type
_entity.pdbx_description
1 polymer 'UDP-N-acetylglucosamine pyrophosphorylase'
2 non-polymer 'SULFATE ION'
3 non-polymer 1,2-ETHANEDIOL
4 water water
#
_entity_poly.entity_id   1
_entity_poly.type   'polypeptide(L)'
_entity_poly.pdbx_seq_one_letter_code
;GPGSMTYQPVDITTNTIPVTKEHYYRGLELISQGKTALITPAGGQGSRLGFEHPKGMFVLPFEIPKSIFQMTSERLLRLQ
ELASEYSHQKNVMIHWFLMTNEETIEEINNYFKEHQYFGLSSEQIHCFPQGMLPVVDFNGKILYEKKDKPYMAPNGHGGL
FKALKDNGILEFMNEKGIKYSVAHNVDNILCKDVDPNMIGYMDLLQSEICIKIVKKGFKEEKVGVLVKEQERIKVVEYTE
LTDELNKQLSNGEFIYNCGHISINGYSTSFLEKAAEYQLPYHIAKKKVPFVNEQGIVIHPSENNGIKKEIFFFDVFPLAT
KVSIFEIQRFIEFSALKNSLNESFDNVNTVKRDWYRLNIYYLKKAGAIVDDSKSPICEISFRKSFEEEGLKEFKGKTIQL
PFILQ
;
_entity_poly.pdbx_strand_id   A
#
loop_
_chem_comp.id
_chem_comp.type
_chem_comp.name
_chem_comp.formula
EDO non-polymer 1,2-ETHANEDIOL 'C2 H6 O2'
SO4 non-polymer 'SULFATE ION' 'O4 S -2'
#
# COMPACT_ATOMS: atom_id res chain seq x y z
N THR A 6 -17.03 -19.84 -18.29
CA THR A 6 -16.10 -20.08 -17.15
C THR A 6 -14.99 -19.00 -17.10
N TYR A 7 -13.90 -19.25 -16.39
CA TYR A 7 -12.80 -18.27 -16.30
C TYR A 7 -12.01 -18.14 -17.62
N GLN A 8 -11.60 -16.91 -17.95
CA GLN A 8 -10.71 -16.61 -19.08
C GLN A 8 -9.48 -15.80 -18.62
N PRO A 9 -8.34 -15.91 -19.34
CA PRO A 9 -7.11 -15.15 -18.98
C PRO A 9 -7.27 -13.62 -19.11
N VAL A 10 -6.41 -12.88 -18.40
CA VAL A 10 -6.39 -11.40 -18.39
C VAL A 10 -5.09 -10.92 -19.08
N ASP A 11 -5.19 -10.00 -20.06
CA ASP A 11 -3.99 -9.41 -20.72
C ASP A 11 -3.38 -8.24 -19.90
N ILE A 12 -2.05 -8.19 -19.85
CA ILE A 12 -1.31 -7.08 -19.20
C ILE A 12 -1.32 -5.89 -20.16
N THR A 13 -1.99 -4.80 -19.80
CA THR A 13 -2.17 -3.66 -20.72
C THR A 13 -0.83 -3.05 -21.19
N THR A 14 0.12 -2.93 -20.25
CA THR A 14 1.47 -2.35 -20.53
C THR A 14 2.37 -3.18 -21.50
N ASN A 15 1.96 -4.40 -21.83
CA ASN A 15 2.66 -5.19 -22.88
C ASN A 15 2.50 -4.55 -24.29
N THR A 16 1.33 -3.98 -24.57
CA THR A 16 1.04 -3.41 -25.91
C THR A 16 0.81 -1.90 -25.95
N ILE A 17 0.45 -1.32 -24.80
CA ILE A 17 0.36 0.14 -24.64
C ILE A 17 1.41 0.56 -23.60
N PRO A 18 2.60 1.00 -24.06
CA PRO A 18 3.70 1.22 -23.14
C PRO A 18 3.51 2.47 -22.26
N VAL A 19 4.13 2.44 -21.08
CA VAL A 19 4.24 3.63 -20.21
C VAL A 19 5.36 4.53 -20.77
N THR A 20 4.99 5.77 -21.12
CA THR A 20 5.93 6.69 -21.81
C THR A 20 6.22 7.94 -20.97
N LYS A 21 7.20 8.74 -21.41
CA LYS A 21 7.43 10.05 -20.76
C LYS A 21 6.22 11.01 -20.82
N GLU A 22 5.41 10.92 -21.88
CA GLU A 22 4.16 11.71 -21.97
C GLU A 22 3.24 11.43 -20.74
N HIS A 23 3.14 10.15 -20.35
CA HIS A 23 2.36 9.76 -19.16
C HIS A 23 2.92 10.36 -17.85
N TYR A 24 4.24 10.27 -17.67
CA TYR A 24 4.91 10.85 -16.48
C TYR A 24 4.61 12.36 -16.33
N TYR A 25 4.78 13.14 -17.40
CA TYR A 25 4.51 14.59 -17.34
C TYR A 25 3.03 14.96 -17.17
N ARG A 26 2.12 14.16 -17.72
CA ARG A 26 0.68 14.38 -17.47
C ARG A 26 0.34 14.13 -15.98
N GLY A 27 1.03 13.17 -15.37
CA GLY A 27 0.89 12.91 -13.92
C GLY A 27 1.33 14.11 -13.08
N LEU A 28 2.50 14.68 -13.38
CA LEU A 28 2.98 15.89 -12.69
C LEU A 28 2.00 17.08 -12.86
N GLU A 29 1.42 17.23 -14.05
CA GLU A 29 0.40 18.27 -14.30
CA GLU A 29 0.40 18.27 -14.31
C GLU A 29 -0.84 18.11 -13.41
N LEU A 30 -1.37 16.89 -13.35
CA LEU A 30 -2.54 16.61 -12.50
C LEU A 30 -2.26 16.81 -10.99
N ILE A 31 -1.08 16.39 -10.52
CA ILE A 31 -0.67 16.63 -9.12
C ILE A 31 -0.60 18.16 -8.85
N SER A 32 0.01 18.90 -9.78
CA SER A 32 0.12 20.39 -9.65
C SER A 32 -1.22 21.14 -9.59
N GLN A 33 -2.27 20.58 -10.22
CA GLN A 33 -3.62 21.17 -10.25
C GLN A 33 -4.48 20.81 -9.02
N GLY A 34 -3.90 20.08 -8.07
CA GLY A 34 -4.62 19.61 -6.87
C GLY A 34 -5.64 18.51 -7.14
N LYS A 35 -5.37 17.67 -8.14
CA LYS A 35 -6.35 16.66 -8.56
C LYS A 35 -6.04 15.22 -8.07
N THR A 36 -5.09 15.07 -7.13
CA THR A 36 -4.65 13.72 -6.65
C THR A 36 -4.65 13.56 -5.12
N ALA A 37 -4.71 12.31 -4.63
CA ALA A 37 -4.66 11.99 -3.18
C ALA A 37 -4.03 10.62 -2.90
N LEU A 38 -3.56 10.42 -1.66
CA LEU A 38 -3.07 9.12 -1.15
C LEU A 38 -4.05 8.54 -0.09
N ILE A 39 -4.29 7.22 -0.14
CA ILE A 39 -5.14 6.52 0.88
C ILE A 39 -4.34 5.35 1.48
N THR A 40 -4.14 5.32 2.81
CA THR A 40 -3.47 4.14 3.44
C THR A 40 -4.11 3.72 4.79
N PRO A 41 -3.90 2.46 5.22
CA PRO A 41 -4.22 2.13 6.63
C PRO A 41 -3.06 2.43 7.61
N ALA A 42 -3.37 2.71 8.87
CA ALA A 42 -2.32 2.92 9.88
C ALA A 42 -1.63 1.60 10.22
N GLY A 43 -2.39 0.51 10.01
CA GLY A 43 -1.92 -0.85 10.17
C GLY A 43 -2.47 -1.47 11.44
N GLY A 44 -2.47 -2.79 11.50
CA GLY A 44 -2.71 -3.49 12.76
C GLY A 44 -1.53 -3.24 13.67
N GLN A 45 -1.56 -3.84 14.87
CA GLN A 45 -0.44 -3.72 15.80
C GLN A 45 0.78 -4.47 15.24
N GLY A 46 1.98 -3.89 15.42
CA GLY A 46 3.23 -4.54 14.99
C GLY A 46 3.71 -5.63 15.93
N SER A 47 2.79 -6.49 16.38
CA SER A 47 3.06 -7.50 17.40
C SER A 47 3.97 -8.65 16.93
N ARG A 48 3.94 -8.97 15.64
CA ARG A 48 4.84 -9.97 15.05
C ARG A 48 6.28 -9.49 15.19
N LEU A 49 6.45 -8.18 15.16
CA LEU A 49 7.72 -7.53 15.48
CA LEU A 49 7.73 -7.54 15.48
C LEU A 49 7.74 -7.31 17.00
N GLY A 50 8.67 -6.51 17.51
CA GLY A 50 8.67 -6.25 18.95
C GLY A 50 7.72 -5.13 19.40
N PHE A 51 6.72 -4.82 18.57
CA PHE A 51 6.08 -3.51 18.59
C PHE A 51 4.57 -3.51 18.88
N GLU A 52 4.21 -3.13 20.11
CA GLU A 52 2.79 -3.10 20.51
C GLU A 52 2.14 -1.73 20.26
N HIS A 53 2.18 -1.31 18.99
CA HIS A 53 1.71 0.01 18.53
C HIS A 53 1.36 -0.12 17.05
N PRO A 54 0.59 0.84 16.47
CA PRO A 54 0.26 0.76 15.03
C PRO A 54 1.53 0.67 14.16
N LYS A 55 1.48 -0.15 13.11
CA LYS A 55 2.65 -0.48 12.29
C LYS A 55 3.37 0.74 11.68
N GLY A 56 2.63 1.79 11.32
CA GLY A 56 3.25 3.00 10.74
C GLY A 56 4.28 3.69 11.64
N MET A 57 4.17 3.44 12.95
CA MET A 57 5.07 4.06 13.95
C MET A 57 6.42 3.33 14.13
N PHE A 58 6.55 2.17 13.49
CA PHE A 58 7.77 1.30 13.58
C PHE A 58 9.00 1.96 12.98
N VAL A 59 10.10 2.00 13.75
CA VAL A 59 11.33 2.66 13.33
C VAL A 59 12.29 1.68 12.62
N LEU A 60 12.50 1.89 11.32
CA LEU A 60 13.43 1.03 10.54
C LEU A 60 14.91 1.22 10.95
N PRO A 61 15.64 0.13 11.25
CA PRO A 61 17.02 0.32 11.72
C PRO A 61 18.07 0.58 10.63
N PHE A 62 17.89 1.67 9.87
CA PHE A 62 18.86 2.11 8.87
C PHE A 62 20.02 2.84 9.58
N GLU A 63 21.05 3.24 8.83
CA GLU A 63 22.13 4.07 9.40
C GLU A 63 21.58 5.40 9.95
N ILE A 64 20.57 5.93 9.27
CA ILE A 64 19.79 7.07 9.76
CA ILE A 64 19.79 7.07 9.76
C ILE A 64 18.35 6.56 10.00
N PRO A 65 17.99 6.30 11.27
CA PRO A 65 16.71 5.61 11.53
C PRO A 65 15.47 6.48 11.34
N LYS A 66 14.50 5.98 10.58
CA LYS A 66 13.20 6.66 10.33
C LYS A 66 12.01 5.70 10.40
N SER A 67 10.85 6.20 10.87
CA SER A 67 9.62 5.40 10.89
C SER A 67 9.02 5.23 9.49
N ILE A 68 8.13 4.25 9.35
CA ILE A 68 7.39 4.03 8.08
C ILE A 68 6.56 5.29 7.72
N PHE A 69 5.86 5.85 8.71
CA PHE A 69 5.10 7.11 8.50
C PHE A 69 6.00 8.27 8.02
N GLN A 70 7.22 8.41 8.60
CA GLN A 70 8.19 9.45 8.16
C GLN A 70 8.64 9.27 6.68
N MET A 71 8.91 8.02 6.26
CA MET A 71 9.25 7.69 4.85
CA MET A 71 9.29 7.77 4.85
C MET A 71 8.17 8.20 3.87
N THR A 72 6.91 7.83 4.15
CA THR A 72 5.76 8.27 3.34
C THR A 72 5.64 9.82 3.30
N SER A 73 5.78 10.49 4.44
CA SER A 73 5.75 11.96 4.48
C SER A 73 6.79 12.59 3.54
N GLU A 74 8.00 12.04 3.56
CA GLU A 74 9.13 12.57 2.75
C GLU A 74 8.94 12.37 1.24
N ARG A 75 8.39 11.21 0.86
CA ARG A 75 8.05 10.97 -0.56
C ARG A 75 6.96 11.94 -1.07
N LEU A 76 5.92 12.22 -0.27
CA LEU A 76 4.91 13.22 -0.66
C LEU A 76 5.53 14.63 -0.83
N LEU A 77 6.42 15.03 0.08
CA LEU A 77 7.15 16.30 -0.06
C LEU A 77 7.95 16.41 -1.39
N ARG A 78 8.60 15.31 -1.78
CA ARG A 78 9.41 15.29 -3.05
C ARG A 78 8.53 15.33 -4.31
N LEU A 79 7.42 14.58 -4.30
CA LEU A 79 6.45 14.61 -5.38
C LEU A 79 5.82 16.00 -5.55
N GLN A 80 5.47 16.67 -4.45
CA GLN A 80 4.96 18.06 -4.54
C GLN A 80 5.98 19.01 -5.20
N GLU A 81 7.25 18.85 -4.83
CA GLU A 81 8.38 19.66 -5.35
C GLU A 81 8.60 19.47 -6.87
N LEU A 82 8.60 18.21 -7.33
CA LEU A 82 8.72 17.91 -8.76
C LEU A 82 7.59 18.54 -9.61
N ALA A 83 6.35 18.42 -9.13
CA ALA A 83 5.20 19.02 -9.78
C ALA A 83 5.30 20.56 -9.82
N SER A 84 5.78 21.16 -8.72
CA SER A 84 5.94 22.62 -8.63
CA SER A 84 5.98 22.61 -8.62
C SER A 84 7.00 23.13 -9.61
N GLU A 85 8.13 22.42 -9.72
CA GLU A 85 9.20 22.79 -10.65
C GLU A 85 8.77 22.68 -12.14
N TYR A 86 7.93 21.69 -12.42
CA TYR A 86 7.40 21.47 -13.78
C TYR A 86 6.39 22.54 -14.23
N SER A 87 5.42 22.84 -13.37
CA SER A 87 4.30 23.72 -13.68
C SER A 87 4.54 25.21 -13.38
N HIS A 88 5.58 25.50 -12.59
CA HIS A 88 5.83 26.83 -12.00
C HIS A 88 4.73 27.33 -11.05
N GLN A 89 3.95 26.39 -10.51
CA GLN A 89 2.87 26.67 -9.55
C GLN A 89 3.43 26.67 -8.12
N LYS A 90 3.16 27.75 -7.38
CA LYS A 90 3.82 27.99 -6.08
C LYS A 90 3.44 27.00 -4.97
N ASN A 91 2.14 26.79 -4.75
CA ASN A 91 1.69 25.92 -3.69
C ASN A 91 1.05 24.68 -4.30
N VAL A 92 1.69 23.54 -4.11
CA VAL A 92 1.14 22.26 -4.60
C VAL A 92 0.88 21.35 -3.39
N MET A 93 -0.34 20.78 -3.30
CA MET A 93 -0.73 19.96 -2.12
C MET A 93 -1.31 18.59 -2.50
N ILE A 94 -0.78 17.52 -1.91
CA ILE A 94 -1.39 16.16 -1.98
C ILE A 94 -2.06 15.79 -0.64
N HIS A 95 -3.40 15.73 -0.59
CA HIS A 95 -4.13 15.33 0.64
C HIS A 95 -3.94 13.81 0.91
N TRP A 96 -3.83 13.42 2.19
CA TRP A 96 -3.54 12.04 2.65
C TRP A 96 -4.62 11.59 3.66
N PHE A 97 -5.38 10.54 3.29
CA PHE A 97 -6.47 10.01 4.12
C PHE A 97 -5.98 8.69 4.77
N LEU A 98 -5.99 8.64 6.11
CA LEU A 98 -5.42 7.51 6.85
CA LEU A 98 -5.42 7.53 6.88
C LEU A 98 -6.51 6.77 7.63
N MET A 99 -6.79 5.53 7.24
CA MET A 99 -7.86 4.74 7.88
C MET A 99 -7.41 4.09 9.20
N THR A 100 -8.18 4.39 10.26
CA THR A 100 -7.88 3.84 11.59
CA THR A 100 -7.92 3.97 11.63
C THR A 100 -9.19 3.36 12.25
N ASN A 101 -9.26 3.32 13.58
CA ASN A 101 -10.49 2.91 14.28
C ASN A 101 -10.63 3.66 15.62
N GLU A 102 -11.76 3.49 16.31
CA GLU A 102 -11.98 4.19 17.59
C GLU A 102 -10.92 3.91 18.67
N GLU A 103 -10.31 2.72 18.65
CA GLU A 103 -9.33 2.33 19.67
C GLU A 103 -7.93 2.97 19.50
N THR A 104 -7.61 3.38 18.26
CA THR A 104 -6.25 3.86 17.96
CA THR A 104 -6.27 3.81 17.88
C THR A 104 -6.14 5.28 17.40
N ILE A 105 -7.28 5.91 17.07
CA ILE A 105 -7.26 7.25 16.45
C ILE A 105 -6.55 8.37 17.25
N GLU A 106 -6.75 8.40 18.57
CA GLU A 106 -6.11 9.44 19.39
C GLU A 106 -4.57 9.29 19.41
N GLU A 107 -4.08 8.06 19.54
CA GLU A 107 -2.62 7.78 19.56
C GLU A 107 -1.92 8.20 18.24
N ILE A 108 -2.57 7.93 17.10
CA ILE A 108 -2.00 8.31 15.81
C ILE A 108 -1.99 9.83 15.58
N ASN A 109 -3.09 10.51 15.93
CA ASN A 109 -3.14 11.98 15.86
C ASN A 109 -2.05 12.65 16.70
N ASN A 110 -1.85 12.14 17.93
CA ASN A 110 -0.80 12.66 18.82
CA ASN A 110 -0.79 12.63 18.83
C ASN A 110 0.61 12.43 18.25
N TYR A 111 0.82 11.27 17.60
CA TYR A 111 2.13 10.94 17.00
C TYR A 111 2.53 11.97 15.93
N PHE A 112 1.61 12.30 15.02
CA PHE A 112 1.88 13.32 13.99
C PHE A 112 2.11 14.75 14.57
N LYS A 113 1.24 15.16 15.50
CA LYS A 113 1.32 16.52 16.10
C LYS A 113 2.66 16.77 16.81
N GLU A 114 3.08 15.83 17.63
CA GLU A 114 4.33 16.05 18.38
C GLU A 114 5.61 15.87 17.54
N HIS A 115 5.47 15.36 16.32
CA HIS A 115 6.58 15.37 15.35
C HIS A 115 6.48 16.52 14.31
N GLN A 116 5.62 17.51 14.57
CA GLN A 116 5.35 18.66 13.66
C GLN A 116 5.14 18.18 12.20
N TYR A 117 4.40 17.07 12.08
CA TYR A 117 3.97 16.46 10.79
C TYR A 117 5.09 16.10 9.78
N PHE A 118 6.32 15.91 10.29
CA PHE A 118 7.51 15.64 9.46
C PHE A 118 7.68 16.65 8.30
N GLY A 119 7.20 17.88 8.48
CA GLY A 119 7.35 18.92 7.44
C GLY A 119 6.16 19.11 6.51
N LEU A 120 5.14 18.23 6.61
CA LEU A 120 3.83 18.45 5.94
C LEU A 120 3.00 19.53 6.67
N SER A 121 1.88 19.93 6.05
CA SER A 121 0.92 20.86 6.69
C SER A 121 -0.15 20.11 7.49
N SER A 122 -0.55 20.66 8.63
CA SER A 122 -1.69 20.09 9.39
C SER A 122 -3.00 20.03 8.58
N GLU A 123 -3.07 20.83 7.52
CA GLU A 123 -4.28 20.92 6.71
CA GLU A 123 -4.24 20.98 6.63
C GLU A 123 -4.45 19.74 5.74
N GLN A 124 -3.38 18.97 5.53
CA GLN A 124 -3.38 17.86 4.54
C GLN A 124 -3.41 16.42 5.06
N ILE A 125 -3.36 16.23 6.39
CA ILE A 125 -3.39 14.90 7.03
CA ILE A 125 -3.42 14.88 6.95
C ILE A 125 -4.77 14.67 7.62
N HIS A 126 -5.44 13.56 7.25
CA HIS A 126 -6.84 13.30 7.70
C HIS A 126 -7.07 11.85 8.19
N CYS A 127 -7.03 11.66 9.51
CA CYS A 127 -7.32 10.33 10.10
C CYS A 127 -8.85 10.13 10.23
N PHE A 128 -9.34 8.96 9.79
CA PHE A 128 -10.80 8.61 9.88
C PHE A 128 -11.06 7.17 10.34
N PRO A 129 -12.16 6.93 11.12
CA PRO A 129 -12.37 5.55 11.62
C PRO A 129 -13.24 4.65 10.73
N GLN A 130 -12.90 3.36 10.67
CA GLN A 130 -13.79 2.32 10.08
C GLN A 130 -14.58 1.61 11.19
N GLY A 131 -15.63 0.87 10.82
CA GLY A 131 -16.43 0.08 11.78
C GLY A 131 -15.66 -1.06 12.43
N MET A 132 -16.10 -1.45 13.63
CA MET A 132 -15.56 -2.62 14.36
C MET A 132 -16.71 -3.57 14.75
N LEU A 133 -16.39 -4.85 14.98
CA LEU A 133 -17.35 -5.88 15.46
C LEU A 133 -16.73 -6.75 16.58
N PRO A 134 -17.56 -7.25 17.52
CA PRO A 134 -17.03 -8.20 18.53
C PRO A 134 -16.55 -9.55 17.95
N VAL A 135 -15.44 -10.07 18.49
CA VAL A 135 -14.90 -11.38 18.12
C VAL A 135 -15.73 -12.47 18.84
N VAL A 136 -16.07 -13.57 18.16
CA VAL A 136 -16.96 -14.60 18.73
C VAL A 136 -16.34 -16.03 18.77
N ASP A 137 -16.91 -16.91 19.60
CA ASP A 137 -16.52 -18.34 19.66
C ASP A 137 -17.35 -19.18 18.66
N PHE A 138 -17.34 -20.51 18.79
CA PHE A 138 -18.02 -21.37 17.78
C PHE A 138 -19.55 -21.60 17.93
N ASN A 139 -20.16 -21.17 19.03
CA ASN A 139 -21.63 -21.06 19.08
C ASN A 139 -22.12 -19.65 18.75
N GLY A 140 -21.18 -18.82 18.29
CA GLY A 140 -21.47 -17.46 17.90
C GLY A 140 -21.53 -16.48 19.06
N LYS A 141 -20.98 -16.88 20.21
CA LYS A 141 -21.09 -16.08 21.45
C LYS A 141 -19.85 -15.21 21.67
N ILE A 142 -20.07 -13.96 22.07
CA ILE A 142 -19.01 -12.95 22.24
C ILE A 142 -17.91 -13.41 23.21
N LEU A 143 -16.65 -13.22 22.81
CA LEU A 143 -15.50 -13.44 23.70
C LEU A 143 -15.11 -12.13 24.44
N TYR A 144 -14.98 -12.19 25.77
CA TYR A 144 -14.76 -10.99 26.60
C TYR A 144 -13.32 -10.80 27.09
N GLU A 145 -12.89 -9.53 27.16
CA GLU A 145 -11.61 -9.15 27.78
C GLU A 145 -11.77 -9.02 29.30
N LYS A 146 -12.86 -8.38 29.72
CA LYS A 146 -13.24 -8.26 31.13
C LYS A 146 -14.76 -8.10 31.19
N LYS A 147 -15.33 -7.91 32.39
CA LYS A 147 -16.77 -7.70 32.53
C LYS A 147 -17.23 -6.46 31.75
N ASP A 148 -18.29 -6.63 30.95
CA ASP A 148 -18.81 -5.55 30.09
C ASP A 148 -17.81 -4.96 29.08
N LYS A 149 -16.82 -5.77 28.70
CA LYS A 149 -15.76 -5.34 27.76
C LYS A 149 -15.38 -6.40 26.71
N PRO A 150 -16.16 -6.50 25.62
CA PRO A 150 -15.84 -7.46 24.54
C PRO A 150 -14.49 -7.22 23.84
N TYR A 151 -13.83 -8.30 23.38
CA TYR A 151 -12.74 -8.15 22.39
C TYR A 151 -13.35 -7.68 21.06
N MET A 152 -12.74 -6.67 20.44
CA MET A 152 -13.27 -6.07 19.20
C MET A 152 -12.23 -6.14 18.07
N ALA A 153 -12.70 -6.20 16.82
CA ALA A 153 -11.82 -6.16 15.64
C ALA A 153 -12.40 -5.30 14.50
N PRO A 154 -11.53 -4.69 13.67
CA PRO A 154 -12.02 -3.95 12.49
C PRO A 154 -12.82 -4.84 11.53
N ASN A 155 -13.71 -4.23 10.74
CA ASN A 155 -14.59 -4.98 9.83
C ASN A 155 -13.94 -5.49 8.53
N GLY A 156 -12.62 -5.33 8.38
CA GLY A 156 -11.87 -5.78 7.17
C GLY A 156 -11.50 -4.62 6.24
N HIS A 157 -10.50 -4.81 5.37
CA HIS A 157 -10.10 -3.69 4.48
C HIS A 157 -11.18 -3.26 3.47
N GLY A 158 -12.15 -4.13 3.23
CA GLY A 158 -13.34 -3.79 2.42
C GLY A 158 -14.22 -2.69 3.04
N GLY A 159 -14.07 -2.46 4.34
CA GLY A 159 -14.78 -1.37 5.03
C GLY A 159 -14.38 0.04 4.57
N LEU A 160 -13.29 0.15 3.80
CA LEU A 160 -12.82 1.43 3.24
C LEU A 160 -13.92 2.24 2.54
N PHE A 161 -14.67 1.61 1.63
CA PHE A 161 -15.55 2.39 0.75
C PHE A 161 -16.72 3.08 1.49
N LYS A 162 -17.42 2.34 2.37
CA LYS A 162 -18.49 2.93 3.21
CA LYS A 162 -18.49 2.95 3.20
C LYS A 162 -17.94 3.99 4.18
N ALA A 163 -16.76 3.72 4.75
CA ALA A 163 -16.10 4.68 5.66
C ALA A 163 -15.74 6.03 5.03
N LEU A 164 -15.30 6.02 3.76
CA LEU A 164 -15.05 7.28 3.02
C LEU A 164 -16.34 8.12 2.88
N LYS A 165 -17.47 7.47 2.55
CA LYS A 165 -18.76 8.19 2.44
C LYS A 165 -19.23 8.75 3.78
N ASP A 166 -19.26 7.88 4.81
CA ASP A 166 -19.79 8.22 6.15
C ASP A 166 -19.04 9.34 6.88
N ASN A 167 -17.74 9.45 6.63
CA ASN A 167 -16.88 10.48 7.25
C ASN A 167 -16.76 11.80 6.45
N GLY A 168 -17.54 11.91 5.37
CA GLY A 168 -17.58 13.10 4.51
C GLY A 168 -16.41 13.32 3.55
N ILE A 169 -15.59 12.29 3.38
CA ILE A 169 -14.38 12.40 2.56
C ILE A 169 -14.71 12.48 1.05
N LEU A 170 -15.74 11.77 0.60
CA LEU A 170 -16.14 11.90 -0.81
C LEU A 170 -16.66 13.32 -1.14
N GLU A 171 -17.43 13.92 -0.21
CA GLU A 171 -17.85 15.33 -0.35
C GLU A 171 -16.64 16.28 -0.40
N PHE A 172 -15.66 16.05 0.48
CA PHE A 172 -14.41 16.84 0.54
C PHE A 172 -13.59 16.72 -0.77
N MET A 173 -13.48 15.49 -1.30
CA MET A 173 -12.81 15.32 -2.61
C MET A 173 -13.44 16.16 -3.74
N ASN A 174 -14.78 16.16 -3.84
CA ASN A 174 -15.47 16.97 -4.86
C ASN A 174 -15.22 18.48 -4.67
N GLU A 175 -15.26 18.94 -3.42
CA GLU A 175 -14.98 20.36 -3.08
C GLU A 175 -13.58 20.82 -3.54
N LYS A 176 -12.58 19.94 -3.32
CA LYS A 176 -11.16 20.21 -3.64
C LYS A 176 -10.76 19.93 -5.10
N GLY A 177 -11.65 19.30 -5.87
CA GLY A 177 -11.35 18.91 -7.27
C GLY A 177 -10.51 17.64 -7.44
N ILE A 178 -10.41 16.82 -6.39
CA ILE A 178 -9.66 15.55 -6.44
C ILE A 178 -10.34 14.51 -7.35
N LYS A 179 -9.59 14.03 -8.35
CA LYS A 179 -10.12 13.13 -9.39
C LYS A 179 -9.58 11.69 -9.31
N TYR A 180 -8.34 11.52 -8.82
CA TYR A 180 -7.70 10.18 -8.75
C TYR A 180 -6.98 9.96 -7.41
N SER A 181 -7.15 8.77 -6.79
CA SER A 181 -6.53 8.42 -5.49
C SER A 181 -5.77 7.08 -5.61
N VAL A 182 -4.57 6.99 -5.05
CA VAL A 182 -3.83 5.69 -4.96
C VAL A 182 -3.94 5.11 -3.54
N ALA A 183 -4.51 3.89 -3.45
CA ALA A 183 -4.65 3.15 -2.18
C ALA A 183 -3.64 1.98 -2.06
N HIS A 184 -2.84 1.97 -1.00
CA HIS A 184 -1.91 0.83 -0.83
C HIS A 184 -1.72 0.34 0.62
N ASN A 185 -1.01 -0.78 0.81
CA ASN A 185 -0.80 -1.36 2.16
C ASN A 185 0.44 -0.78 2.83
N VAL A 186 0.45 -0.77 4.17
CA VAL A 186 1.51 -0.13 4.95
C VAL A 186 2.87 -0.90 4.96
N ASP A 187 2.85 -2.17 4.56
CA ASP A 187 4.00 -3.07 4.72
CA ASP A 187 4.01 -3.07 4.70
C ASP A 187 5.07 -2.94 3.60
N ASN A 188 4.72 -2.36 2.44
CA ASN A 188 5.69 -2.26 1.30
C ASN A 188 6.56 -1.00 1.30
N ILE A 189 7.80 -1.13 1.75
CA ILE A 189 8.69 0.02 2.00
C ILE A 189 9.08 0.77 0.69
N LEU A 190 9.12 0.06 -0.42
CA LEU A 190 9.50 0.66 -1.72
C LEU A 190 8.36 1.31 -2.52
N CYS A 191 7.12 1.29 -1.98
CA CYS A 191 5.98 1.87 -2.72
C CYS A 191 6.19 3.33 -3.20
N LYS A 192 5.85 3.60 -4.47
CA LYS A 192 6.01 4.96 -5.02
C LYS A 192 4.88 5.97 -4.62
N ASP A 193 3.89 5.52 -3.84
CA ASP A 193 2.82 6.44 -3.37
C ASP A 193 2.05 7.01 -4.56
N VAL A 194 1.89 8.35 -4.68
CA VAL A 194 1.14 8.94 -5.81
C VAL A 194 2.05 9.03 -7.07
N ASP A 195 2.23 7.87 -7.73
CA ASP A 195 3.23 7.68 -8.82
C ASP A 195 2.79 8.46 -10.08
N PRO A 196 3.54 9.51 -10.50
CA PRO A 196 3.09 10.28 -11.69
C PRO A 196 2.91 9.42 -12.96
N ASN A 197 3.75 8.39 -13.13
CA ASN A 197 3.63 7.42 -14.27
C ASN A 197 2.23 6.78 -14.31
N MET A 198 1.76 6.36 -13.13
CA MET A 198 0.46 5.66 -13.00
C MET A 198 -0.76 6.64 -13.14
N ILE A 199 -0.64 7.83 -12.55
CA ILE A 199 -1.73 8.86 -12.67
C ILE A 199 -1.93 9.26 -14.15
N GLY A 200 -0.83 9.49 -14.87
CA GLY A 200 -0.91 9.82 -16.30
C GLY A 200 -1.48 8.69 -17.17
N TYR A 201 -1.09 7.46 -16.86
CA TYR A 201 -1.59 6.26 -17.58
C TYR A 201 -3.13 6.09 -17.40
N MET A 202 -3.61 6.16 -16.15
CA MET A 202 -5.05 6.02 -15.93
C MET A 202 -5.89 7.19 -16.51
N ASP A 203 -5.31 8.39 -16.59
CA ASP A 203 -6.07 9.53 -17.17
C ASP A 203 -6.23 9.41 -18.67
N LEU A 204 -5.16 9.07 -19.38
CA LEU A 204 -5.22 8.99 -20.84
C LEU A 204 -6.05 7.78 -21.35
N LEU A 205 -6.12 6.70 -20.56
CA LEU A 205 -7.00 5.54 -20.88
C LEU A 205 -8.42 5.63 -20.28
N GLN A 206 -8.67 6.69 -19.48
CA GLN A 206 -9.96 6.95 -18.81
C GLN A 206 -10.47 5.75 -17.94
N SER A 207 -9.56 5.19 -17.13
CA SER A 207 -9.86 4.01 -16.28
C SER A 207 -10.69 4.38 -15.04
N GLU A 208 -11.58 3.48 -14.60
CA GLU A 208 -12.17 3.48 -13.21
C GLU A 208 -11.20 2.93 -12.15
N ILE A 209 -10.53 1.82 -12.49
CA ILE A 209 -9.50 1.19 -11.63
C ILE A 209 -8.24 0.91 -12.47
N CYS A 210 -7.06 1.24 -11.91
CA CYS A 210 -5.77 0.83 -12.47
C CYS A 210 -5.08 -0.10 -11.43
N ILE A 211 -4.86 -1.37 -11.80
CA ILE A 211 -4.34 -2.41 -10.86
C ILE A 211 -2.85 -2.73 -11.16
N LYS A 212 -1.94 -2.43 -10.21
CA LYS A 212 -0.51 -2.83 -10.35
C LYS A 212 -0.32 -4.35 -10.08
N ILE A 213 0.47 -5.02 -10.92
CA ILE A 213 0.72 -6.47 -10.78
C ILE A 213 2.21 -6.81 -10.91
N VAL A 214 2.59 -7.95 -10.35
CA VAL A 214 3.89 -8.58 -10.64
C VAL A 214 3.65 -9.90 -11.42
N LYS A 215 4.50 -10.18 -12.41
CA LYS A 215 4.42 -11.49 -13.11
C LYS A 215 4.74 -12.70 -12.19
N LYS A 216 3.80 -13.64 -12.06
CA LYS A 216 3.93 -14.79 -11.13
C LYS A 216 5.23 -15.58 -11.39
N GLY A 217 5.98 -15.86 -10.32
CA GLY A 217 7.33 -16.47 -10.43
C GLY A 217 7.44 -17.99 -10.40
N PHE A 218 6.54 -18.65 -9.67
CA PHE A 218 6.51 -20.12 -9.52
C PHE A 218 5.14 -20.58 -9.01
N LYS A 219 4.80 -21.86 -9.19
CA LYS A 219 3.44 -22.40 -8.91
C LYS A 219 2.94 -22.17 -7.47
N GLU A 220 3.84 -22.36 -6.50
CA GLU A 220 3.49 -22.27 -5.08
C GLU A 220 3.69 -20.88 -4.46
N GLU A 221 3.90 -19.86 -5.30
CA GLU A 221 4.05 -18.48 -4.79
C GLU A 221 2.75 -18.02 -4.09
N LYS A 222 2.87 -17.47 -2.86
CA LYS A 222 1.69 -17.05 -2.07
C LYS A 222 1.18 -15.67 -2.48
N VAL A 223 0.61 -15.61 -3.68
CA VAL A 223 0.02 -14.38 -4.24
C VAL A 223 -1.32 -14.73 -4.94
N GLY A 224 -2.34 -13.87 -4.75
CA GLY A 224 -3.60 -14.03 -5.50
C GLY A 224 -3.46 -13.58 -6.96
N VAL A 225 -4.30 -14.12 -7.87
CA VAL A 225 -4.16 -13.84 -9.31
C VAL A 225 -5.46 -13.33 -9.98
N LEU A 226 -5.34 -12.51 -11.03
CA LEU A 226 -6.54 -11.97 -11.72
C LEU A 226 -7.13 -12.96 -12.72
N VAL A 227 -8.47 -12.96 -12.81
CA VAL A 227 -9.21 -13.77 -13.79
C VAL A 227 -10.32 -12.88 -14.41
N LYS A 228 -10.88 -13.32 -15.55
CA LYS A 228 -12.01 -12.61 -16.19
C LYS A 228 -13.23 -13.55 -16.22
N GLU A 229 -14.38 -13.03 -15.82
CA GLU A 229 -15.66 -13.77 -15.83
C GLU A 229 -16.78 -12.88 -16.40
N GLN A 230 -17.38 -13.29 -17.52
CA GLN A 230 -18.41 -12.47 -18.21
C GLN A 230 -17.96 -10.99 -18.38
N GLU A 231 -16.74 -10.85 -18.88
CA GLU A 231 -16.07 -9.57 -19.17
C GLU A 231 -15.73 -8.70 -17.94
N ARG A 232 -15.90 -9.23 -16.72
CA ARG A 232 -15.52 -8.49 -15.49
C ARG A 232 -14.26 -9.06 -14.83
N ILE A 233 -13.47 -8.21 -14.17
CA ILE A 233 -12.23 -8.66 -13.47
C ILE A 233 -12.46 -9.03 -12.00
N LYS A 234 -11.86 -10.15 -11.57
CA LYS A 234 -11.92 -10.67 -10.18
C LYS A 234 -10.55 -11.16 -9.69
N VAL A 235 -10.36 -11.19 -8.36
CA VAL A 235 -9.19 -11.87 -7.73
C VAL A 235 -9.57 -13.26 -7.22
N VAL A 236 -8.73 -14.26 -7.56
CA VAL A 236 -8.78 -15.60 -6.91
C VAL A 236 -7.61 -15.71 -5.92
N GLU A 237 -7.91 -15.88 -4.62
CA GLU A 237 -6.87 -15.99 -3.57
C GLU A 237 -6.07 -17.29 -3.69
N TYR A 238 -4.84 -17.28 -3.16
CA TYR A 238 -3.91 -18.40 -3.34
CA TYR A 238 -3.93 -18.40 -3.38
C TYR A 238 -4.51 -19.72 -2.86
N THR A 239 -5.24 -19.65 -1.74
CA THR A 239 -5.87 -20.85 -1.15
C THR A 239 -6.94 -21.53 -2.04
N GLU A 240 -7.39 -20.85 -3.09
CA GLU A 240 -8.45 -21.34 -3.99
C GLU A 240 -8.01 -21.70 -5.41
N LEU A 241 -6.70 -21.69 -5.66
CA LEU A 241 -6.19 -22.01 -6.99
C LEU A 241 -6.42 -23.48 -7.36
N THR A 242 -6.50 -23.75 -8.66
CA THR A 242 -6.80 -25.09 -9.20
C THR A 242 -5.77 -25.49 -10.26
N ASP A 243 -5.79 -26.76 -10.68
CA ASP A 243 -4.92 -27.20 -11.78
C ASP A 243 -5.10 -26.36 -13.06
N GLU A 244 -6.36 -26.05 -13.39
CA GLU A 244 -6.72 -25.17 -14.51
C GLU A 244 -6.06 -23.79 -14.39
N LEU A 245 -6.16 -23.18 -13.20
CA LEU A 245 -5.61 -21.83 -12.96
C LEU A 245 -4.09 -21.83 -12.77
N ASN A 246 -3.49 -23.02 -12.61
CA ASN A 246 -2.02 -23.16 -12.56
C ASN A 246 -1.33 -23.61 -13.88
N LYS A 247 -2.09 -23.71 -14.98
CA LYS A 247 -1.56 -24.17 -16.28
C LYS A 247 -0.47 -23.28 -16.89
N GLN A 248 0.54 -23.92 -17.48
CA GLN A 248 1.68 -23.26 -18.11
C GLN A 248 1.73 -23.48 -19.62
N LEU A 249 2.28 -22.48 -20.32
CA LEU A 249 2.62 -22.58 -21.74
C LEU A 249 3.90 -23.41 -21.89
N SER A 250 4.17 -23.85 -23.11
CA SER A 250 5.37 -24.66 -23.37
C SER A 250 6.69 -23.96 -22.99
N ASN A 251 6.69 -22.63 -22.93
CA ASN A 251 7.88 -21.88 -22.57
C ASN A 251 8.09 -21.68 -21.05
N GLY A 252 7.17 -22.20 -20.25
CA GLY A 252 7.24 -22.11 -18.79
C GLY A 252 6.42 -21.00 -18.16
N GLU A 253 5.96 -20.05 -18.98
CA GLU A 253 5.14 -18.92 -18.46
C GLU A 253 3.73 -19.37 -18.00
N PHE A 254 3.19 -18.75 -16.94
CA PHE A 254 1.82 -19.06 -16.49
C PHE A 254 0.77 -18.35 -17.33
N ILE A 255 -0.29 -19.08 -17.70
CA ILE A 255 -1.47 -18.54 -18.41
CA ILE A 255 -1.41 -18.48 -18.45
C ILE A 255 -2.13 -17.43 -17.59
N TYR A 256 -2.32 -17.73 -16.30
CA TYR A 256 -2.83 -16.77 -15.30
C TYR A 256 -1.66 -16.22 -14.47
N ASN A 257 -1.02 -15.18 -15.00
CA ASN A 257 0.26 -14.66 -14.46
C ASN A 257 0.18 -13.29 -13.76
N CYS A 258 -1.03 -12.76 -13.58
CA CYS A 258 -1.19 -11.39 -13.01
C CYS A 258 -1.29 -11.42 -11.47
N GLY A 259 -0.14 -11.33 -10.78
CA GLY A 259 -0.10 -11.33 -9.31
C GLY A 259 -0.56 -10.01 -8.68
N HIS A 260 -1.66 -10.03 -7.91
CA HIS A 260 -2.22 -8.79 -7.29
C HIS A 260 -1.41 -8.36 -6.07
N ILE A 261 -0.83 -7.16 -6.07
CA ILE A 261 0.07 -6.76 -4.96
C ILE A 261 -0.42 -5.55 -4.12
N SER A 262 -1.69 -5.19 -4.28
CA SER A 262 -2.34 -4.15 -3.43
C SER A 262 -1.75 -2.72 -3.56
N ILE A 263 -1.51 -2.28 -4.79
CA ILE A 263 -1.26 -0.85 -5.09
C ILE A 263 -2.25 -0.49 -6.23
N ASN A 264 -3.37 0.17 -5.89
CA ASN A 264 -4.53 0.35 -6.83
C ASN A 264 -4.98 1.81 -6.92
N GLY A 265 -5.17 2.30 -8.16
CA GLY A 265 -5.71 3.66 -8.39
C GLY A 265 -7.20 3.65 -8.73
N TYR A 266 -7.94 4.63 -8.17
CA TYR A 266 -9.40 4.72 -8.35
C TYR A 266 -9.85 6.15 -8.75
N SER A 267 -10.77 6.26 -9.70
CA SER A 267 -11.41 7.57 -10.02
C SER A 267 -12.42 7.91 -8.90
N THR A 268 -12.66 9.21 -8.67
CA THR A 268 -13.59 9.65 -7.60
C THR A 268 -15.03 9.17 -7.91
N SER A 269 -15.40 9.22 -9.19
CA SER A 269 -16.71 8.71 -9.63
CA SER A 269 -16.71 8.71 -9.63
CA SER A 269 -16.70 8.70 -9.64
C SER A 269 -16.87 7.22 -9.30
N PHE A 270 -15.78 6.44 -9.47
CA PHE A 270 -15.85 5.01 -9.11
C PHE A 270 -16.00 4.80 -7.59
N LEU A 271 -15.25 5.56 -6.78
CA LEU A 271 -15.39 5.50 -5.32
C LEU A 271 -16.84 5.81 -4.87
N GLU A 272 -17.50 6.73 -5.55
CA GLU A 272 -18.94 7.02 -5.28
C GLU A 272 -19.84 5.79 -5.52
N LYS A 273 -19.60 5.06 -6.62
CA LYS A 273 -20.33 3.79 -6.89
C LYS A 273 -20.01 2.71 -5.88
N ALA A 274 -18.72 2.55 -5.54
CA ALA A 274 -18.28 1.52 -4.60
C ALA A 274 -18.90 1.64 -3.20
N ALA A 275 -19.15 2.87 -2.76
CA ALA A 275 -19.72 3.13 -1.43
C ALA A 275 -21.14 2.55 -1.24
N GLU A 276 -21.84 2.30 -2.35
CA GLU A 276 -23.21 1.77 -2.33
C GLU A 276 -23.30 0.24 -2.51
N TYR A 277 -22.16 -0.41 -2.76
CA TYR A 277 -22.09 -1.83 -3.12
C TYR A 277 -21.99 -2.74 -1.89
N GLN A 278 -22.86 -3.77 -1.84
CA GLN A 278 -22.85 -4.75 -0.75
C GLN A 278 -21.82 -5.88 -0.99
N LEU A 279 -20.73 -5.86 -0.21
CA LEU A 279 -19.65 -6.85 -0.31
C LEU A 279 -19.98 -8.19 0.41
N PRO A 280 -19.49 -9.33 -0.12
CA PRO A 280 -19.76 -10.63 0.52
C PRO A 280 -18.94 -10.86 1.81
N TYR A 281 -19.51 -11.58 2.79
CA TYR A 281 -18.76 -11.85 4.05
C TYR A 281 -17.73 -12.97 3.87
N HIS A 282 -16.63 -12.88 4.62
CA HIS A 282 -15.61 -13.94 4.76
C HIS A 282 -15.33 -14.22 6.25
N ILE A 283 -14.81 -15.41 6.56
CA ILE A 283 -14.34 -15.76 7.93
CA ILE A 283 -14.35 -15.72 7.93
C ILE A 283 -12.83 -15.69 8.03
N ALA A 284 -12.33 -14.92 9.02
CA ALA A 284 -10.91 -14.85 9.35
C ALA A 284 -10.71 -15.27 10.82
N LYS A 285 -9.64 -15.99 11.11
CA LYS A 285 -9.44 -16.52 12.48
C LYS A 285 -8.29 -15.88 13.28
N LYS A 286 -8.35 -16.06 14.61
CA LYS A 286 -7.51 -15.35 15.58
C LYS A 286 -7.33 -16.19 16.86
N LYS A 287 -6.21 -15.98 17.57
CA LYS A 287 -6.01 -16.58 18.89
C LYS A 287 -6.38 -15.57 19.98
N VAL A 288 -7.30 -15.97 20.87
CA VAL A 288 -7.90 -15.08 21.87
C VAL A 288 -7.83 -15.71 23.26
N PRO A 289 -7.24 -15.00 24.25
CA PRO A 289 -7.21 -15.53 25.63
C PRO A 289 -8.60 -15.63 26.25
N PHE A 290 -8.82 -16.63 27.10
CA PHE A 290 -10.11 -16.90 27.71
C PHE A 290 -9.95 -17.62 29.08
N VAL A 291 -10.99 -17.55 29.91
CA VAL A 291 -10.98 -18.23 31.22
C VAL A 291 -11.63 -19.61 31.11
N ASN A 292 -10.93 -20.66 31.57
CA ASN A 292 -11.42 -22.03 31.44
C ASN A 292 -12.42 -22.48 32.54
N GLU A 293 -12.58 -23.80 32.69
CA GLU A 293 -13.55 -24.39 33.61
C GLU A 293 -13.26 -24.15 35.10
N GLN A 294 -11.98 -23.98 35.45
CA GLN A 294 -11.57 -23.79 36.85
C GLN A 294 -10.95 -22.41 37.12
N GLY A 295 -11.31 -21.43 36.27
CA GLY A 295 -10.93 -20.03 36.51
C GLY A 295 -9.53 -19.60 36.06
N ILE A 296 -8.86 -20.44 35.28
CA ILE A 296 -7.51 -20.14 34.77
C ILE A 296 -7.60 -19.48 33.39
N VAL A 297 -6.81 -18.42 33.19
CA VAL A 297 -6.71 -17.77 31.88
C VAL A 297 -5.79 -18.57 30.94
N ILE A 298 -6.38 -19.03 29.82
CA ILE A 298 -5.68 -19.82 28.81
C ILE A 298 -5.21 -18.94 27.65
N HIS A 299 -3.95 -19.08 27.26
CA HIS A 299 -3.43 -18.49 26.01
C HIS A 299 -3.26 -19.62 24.98
N PRO A 300 -4.26 -19.81 24.10
CA PRO A 300 -4.33 -21.00 23.21
C PRO A 300 -3.20 -21.10 22.17
N SER A 301 -2.82 -22.33 21.83
CA SER A 301 -1.76 -22.59 20.84
C SER A 301 -2.29 -22.64 19.40
N GLU A 302 -3.61 -22.66 19.26
CA GLU A 302 -4.27 -22.64 17.96
C GLU A 302 -5.41 -21.61 17.93
N ASN A 303 -5.77 -21.16 16.73
CA ASN A 303 -6.83 -20.16 16.55
C ASN A 303 -8.19 -20.59 17.14
N ASN A 304 -8.84 -19.65 17.86
CA ASN A 304 -10.10 -19.95 18.57
C ASN A 304 -11.20 -18.89 18.38
N GLY A 305 -10.85 -17.74 17.81
CA GLY A 305 -11.81 -16.66 17.59
C GLY A 305 -12.15 -16.45 16.12
N ILE A 306 -13.40 -16.05 15.87
CA ILE A 306 -13.91 -15.77 14.51
C ILE A 306 -14.16 -14.27 14.31
N LYS A 307 -13.53 -13.68 13.27
CA LYS A 307 -13.77 -12.29 12.83
C LYS A 307 -14.55 -12.27 11.50
N LYS A 308 -15.75 -11.70 11.48
CA LYS A 308 -16.53 -11.51 10.23
C LYS A 308 -16.00 -10.29 9.45
N GLU A 309 -15.44 -10.52 8.24
CA GLU A 309 -14.77 -9.46 7.45
C GLU A 309 -15.29 -9.29 6.01
N ILE A 310 -15.08 -8.08 5.46
CA ILE A 310 -15.31 -7.82 4.02
C ILE A 310 -13.98 -7.39 3.39
N PHE A 311 -13.76 -7.73 2.11
CA PHE A 311 -12.44 -7.59 1.41
C PHE A 311 -12.52 -6.55 0.26
N PHE A 312 -11.58 -5.60 0.18
CA PHE A 312 -11.72 -4.50 -0.78
C PHE A 312 -11.73 -4.99 -2.23
N PHE A 313 -10.99 -6.06 -2.52
CA PHE A 313 -10.86 -6.54 -3.91
C PHE A 313 -12.11 -7.20 -4.47
N ASP A 314 -13.09 -7.52 -3.60
CA ASP A 314 -14.39 -7.99 -4.09
C ASP A 314 -15.20 -6.90 -4.82
N VAL A 315 -14.70 -5.65 -4.78
CA VAL A 315 -15.32 -4.54 -5.54
C VAL A 315 -14.91 -4.50 -7.04
N PHE A 316 -13.83 -5.20 -7.39
CA PHE A 316 -13.30 -5.15 -8.78
C PHE A 316 -14.33 -5.45 -9.91
N PRO A 317 -15.23 -6.47 -9.72
CA PRO A 317 -16.17 -6.78 -10.84
C PRO A 317 -17.29 -5.72 -11.09
N LEU A 318 -17.41 -4.74 -10.20
CA LEU A 318 -18.32 -3.60 -10.41
C LEU A 318 -17.88 -2.69 -11.57
N ALA A 319 -16.57 -2.60 -11.79
CA ALA A 319 -16.02 -1.72 -12.85
C ALA A 319 -16.18 -2.25 -14.30
N THR A 320 -16.37 -1.35 -15.27
CA THR A 320 -16.35 -1.72 -16.72
C THR A 320 -15.08 -1.23 -17.47
N LYS A 321 -14.31 -0.33 -16.86
CA LYS A 321 -13.09 0.19 -17.49
C LYS A 321 -11.90 -0.02 -16.54
N VAL A 322 -11.09 -1.05 -16.81
CA VAL A 322 -9.97 -1.43 -15.91
C VAL A 322 -8.67 -1.58 -16.72
N SER A 323 -7.59 -0.94 -16.27
CA SER A 323 -6.27 -1.15 -16.87
C SER A 323 -5.32 -1.94 -15.93
N ILE A 324 -4.39 -2.72 -16.51
CA ILE A 324 -3.45 -3.57 -15.77
CA ILE A 324 -3.44 -3.56 -15.75
C ILE A 324 -2.00 -3.10 -16.04
N PHE A 325 -1.30 -2.69 -14.98
CA PHE A 325 0.05 -2.01 -15.04
C PHE A 325 1.14 -2.91 -14.43
N GLU A 326 2.06 -3.43 -15.25
CA GLU A 326 3.16 -4.29 -14.70
C GLU A 326 4.28 -3.49 -13.99
N ILE A 327 4.65 -3.91 -12.77
CA ILE A 327 5.84 -3.36 -12.08
C ILE A 327 6.96 -4.41 -11.93
N GLN A 328 8.21 -3.96 -11.78
CA GLN A 328 9.34 -4.86 -11.50
C GLN A 328 9.51 -5.00 -9.99
N ARG A 329 9.74 -6.23 -9.50
CA ARG A 329 9.91 -6.44 -8.05
C ARG A 329 11.11 -5.63 -7.55
N PHE A 330 12.16 -5.54 -8.38
CA PHE A 330 13.41 -4.87 -7.97
C PHE A 330 13.20 -3.35 -7.69
N ILE A 331 12.21 -2.78 -8.38
CA ILE A 331 11.89 -1.35 -8.29
C ILE A 331 10.84 -1.02 -7.19
N GLU A 332 9.76 -1.82 -7.09
CA GLU A 332 8.61 -1.42 -6.23
C GLU A 332 7.96 -2.54 -5.38
N PHE A 333 8.73 -3.57 -5.00
CA PHE A 333 8.18 -4.58 -4.02
C PHE A 333 9.20 -5.20 -3.02
N SER A 334 9.19 -4.72 -1.77
CA SER A 334 9.94 -5.39 -0.66
C SER A 334 9.18 -5.18 0.65
N ALA A 335 8.54 -6.23 1.19
CA ALA A 335 7.61 -6.09 2.32
C ALA A 335 8.25 -6.36 3.68
N LEU A 336 7.77 -5.66 4.72
CA LEU A 336 8.18 -5.93 6.13
C LEU A 336 7.02 -6.58 6.91
N LYS A 337 7.18 -7.86 7.23
CA LYS A 337 6.12 -8.66 7.87
C LYS A 337 6.54 -9.46 9.12
N ASN A 338 7.81 -9.86 9.17
CA ASN A 338 8.32 -10.78 10.21
C ASN A 338 9.50 -10.22 11.02
N SER A 339 9.69 -10.76 12.24
CA SER A 339 10.91 -10.52 13.01
C SER A 339 12.09 -11.27 12.40
N LEU A 340 13.28 -11.10 12.97
CA LEU A 340 14.51 -11.78 12.49
C LEU A 340 14.59 -13.28 12.84
N ASN A 341 13.56 -13.80 13.50
CA ASN A 341 13.43 -15.24 13.73
C ASN A 341 12.84 -16.02 12.51
N GLU A 342 12.49 -15.29 11.44
CA GLU A 342 12.21 -15.86 10.11
C GLU A 342 13.22 -15.33 9.09
N SER A 343 13.38 -16.03 7.96
CA SER A 343 14.41 -15.65 6.98
C SER A 343 13.84 -14.97 5.74
N PHE A 344 12.61 -14.47 5.84
CA PHE A 344 12.00 -13.70 4.74
C PHE A 344 11.16 -12.52 5.25
N ASP A 345 10.98 -11.50 4.39
CA ASP A 345 10.18 -10.28 4.70
C ASP A 345 10.49 -9.65 6.07
N ASN A 346 11.78 -9.39 6.31
CA ASN A 346 12.28 -8.83 7.59
C ASN A 346 13.16 -7.56 7.39
N VAL A 347 13.70 -6.99 8.48
CA VAL A 347 14.45 -5.73 8.35
C VAL A 347 15.72 -5.85 7.51
N ASN A 348 16.35 -7.02 7.54
CA ASN A 348 17.53 -7.29 6.71
C ASN A 348 17.23 -7.44 5.21
N THR A 349 16.13 -8.11 4.86
CA THR A 349 15.76 -8.29 3.45
C THR A 349 15.32 -6.96 2.82
N VAL A 350 14.62 -6.14 3.62
CA VAL A 350 14.24 -4.77 3.20
C VAL A 350 15.48 -3.89 2.95
N LYS A 351 16.41 -3.86 3.91
CA LYS A 351 17.71 -3.17 3.74
C LYS A 351 18.48 -3.55 2.46
N ARG A 352 18.66 -4.86 2.23
CA ARG A 352 19.36 -5.38 1.05
CA ARG A 352 19.35 -5.40 1.04
C ARG A 352 18.74 -4.89 -0.26
N ASP A 353 17.39 -4.90 -0.32
CA ASP A 353 16.64 -4.50 -1.53
C ASP A 353 16.75 -2.97 -1.76
N TRP A 354 16.60 -2.17 -0.69
CA TRP A 354 16.69 -0.69 -0.82
C TRP A 354 18.11 -0.23 -1.26
N TYR A 355 19.14 -0.85 -0.67
CA TYR A 355 20.53 -0.55 -1.03
C TYR A 355 20.83 -0.85 -2.51
N ARG A 356 20.33 -1.98 -3.02
CA ARG A 356 20.57 -2.38 -4.42
C ARG A 356 19.86 -1.45 -5.42
N LEU A 357 18.63 -1.05 -5.10
CA LEU A 357 17.91 -0.05 -5.91
C LEU A 357 18.68 1.28 -6.00
N ASN A 358 19.21 1.76 -4.87
CA ASN A 358 19.89 3.05 -4.83
C ASN A 358 21.20 3.06 -5.67
N ILE A 359 21.91 1.93 -5.67
CA ILE A 359 23.08 1.73 -6.56
C ILE A 359 22.71 1.80 -8.05
N TYR A 360 21.63 1.09 -8.42
CA TYR A 360 21.06 1.15 -9.77
C TYR A 360 20.74 2.59 -10.21
N TYR A 361 20.10 3.38 -9.34
CA TYR A 361 19.74 4.77 -9.69
C TYR A 361 21.00 5.66 -9.90
N LEU A 362 22.01 5.49 -9.04
CA LEU A 362 23.28 6.19 -9.22
C LEU A 362 23.95 5.91 -10.57
N LYS A 363 23.94 4.65 -11.00
CA LYS A 363 24.50 4.25 -12.30
C LYS A 363 23.69 4.78 -13.50
N LYS A 364 22.36 4.83 -13.34
CA LYS A 364 21.48 5.35 -14.39
C LYS A 364 21.71 6.86 -14.58
N ALA A 365 22.16 7.54 -13.53
CA ALA A 365 22.43 8.97 -13.57
C ALA A 365 23.85 9.30 -14.10
N GLY A 366 24.63 8.26 -14.40
CA GLY A 366 25.97 8.41 -14.99
C GLY A 366 27.16 8.24 -14.05
N ALA A 367 26.91 7.82 -12.81
CA ALA A 367 27.98 7.62 -11.83
C ALA A 367 28.63 6.24 -11.94
N ILE A 368 29.86 6.11 -11.42
CA ILE A 368 30.55 4.83 -11.30
C ILE A 368 30.57 4.44 -9.81
N VAL A 369 30.10 3.23 -9.49
CA VAL A 369 29.96 2.81 -8.09
C VAL A 369 30.86 1.62 -7.74
N ASP A 370 31.64 1.79 -6.68
CA ASP A 370 32.59 0.79 -6.20
C ASP A 370 32.10 0.21 -4.86
N ASP A 371 31.61 -1.03 -4.89
CA ASP A 371 31.03 -1.67 -3.68
C ASP A 371 31.91 -2.73 -2.98
N SER A 372 33.21 -2.69 -3.26
CA SER A 372 34.15 -3.73 -2.82
C SER A 372 34.32 -3.83 -1.29
N LYS A 373 34.12 -2.72 -0.58
CA LYS A 373 34.34 -2.68 0.87
C LYS A 373 33.07 -2.65 1.72
N SER A 374 31.95 -2.26 1.12
CA SER A 374 30.71 -2.02 1.86
C SER A 374 29.51 -2.10 0.93
N PRO A 375 28.35 -2.56 1.44
CA PRO A 375 27.13 -2.50 0.61
C PRO A 375 26.21 -1.29 0.86
N ILE A 376 26.55 -0.43 1.82
CA ILE A 376 25.64 0.66 2.26
C ILE A 376 25.48 1.81 1.24
N CYS A 377 24.23 2.06 0.83
CA CYS A 377 23.90 3.18 -0.08
C CYS A 377 22.51 3.68 0.32
N GLU A 378 22.45 4.76 1.11
CA GLU A 378 21.19 5.34 1.63
C GLU A 378 20.91 6.71 1.03
N ILE A 379 19.81 6.80 0.28
CA ILE A 379 19.40 8.04 -0.40
C ILE A 379 18.02 8.46 0.12
N SER A 380 17.96 9.62 0.79
CA SER A 380 16.71 10.08 1.43
C SER A 380 15.54 10.18 0.44
N PHE A 381 14.36 9.70 0.84
CA PHE A 381 13.13 9.86 0.03
C PHE A 381 12.80 11.36 -0.19
N ARG A 382 13.36 12.24 0.64
CA ARG A 382 13.19 13.69 0.44
C ARG A 382 14.04 14.24 -0.73
N LYS A 383 15.12 13.54 -1.07
CA LYS A 383 16.11 13.99 -2.09
C LYS A 383 15.95 13.53 -3.55
N SER A 384 15.39 12.34 -3.77
CA SER A 384 15.22 11.78 -5.13
C SER A 384 14.01 10.81 -5.13
N PHE A 385 13.19 10.87 -6.18
CA PHE A 385 12.04 9.96 -6.37
C PHE A 385 12.48 8.69 -7.13
N GLU A 386 12.98 8.88 -8.37
CA GLU A 386 13.66 7.83 -9.13
C GLU A 386 15.14 8.26 -9.15
N GLU A 387 15.75 8.48 -10.32
CA GLU A 387 17.17 8.95 -10.39
C GLU A 387 17.35 10.47 -10.62
N GLU A 388 16.24 11.20 -10.71
CA GLU A 388 16.27 12.61 -11.16
C GLU A 388 16.96 13.61 -10.21
N GLY A 389 17.12 13.24 -8.94
CA GLY A 389 17.79 14.13 -7.97
C GLY A 389 19.31 13.93 -7.89
N LEU A 390 19.84 13.08 -8.76
CA LEU A 390 21.22 12.61 -8.63
C LEU A 390 22.12 13.09 -9.78
N LYS A 391 21.66 14.09 -10.54
CA LYS A 391 22.39 14.55 -11.75
C LYS A 391 23.79 15.12 -11.47
N GLU A 392 23.99 15.63 -10.26
CA GLU A 392 25.28 16.21 -9.87
C GLU A 392 26.39 15.15 -9.81
N PHE A 393 26.02 13.88 -9.85
CA PHE A 393 27.01 12.79 -9.77
C PHE A 393 27.38 12.16 -11.12
N LYS A 394 26.93 12.75 -12.23
CA LYS A 394 27.29 12.26 -13.57
C LYS A 394 28.82 12.35 -13.76
N GLY A 395 29.43 11.23 -14.15
CA GLY A 395 30.87 11.16 -14.37
C GLY A 395 31.75 11.10 -13.11
N LYS A 396 31.12 10.94 -11.95
CA LYS A 396 31.85 10.88 -10.67
C LYS A 396 32.03 9.44 -10.16
N THR A 397 33.11 9.19 -9.42
CA THR A 397 33.39 7.86 -8.86
C THR A 397 33.06 7.82 -7.37
N ILE A 398 32.13 6.94 -6.99
CA ILE A 398 31.65 6.82 -5.61
C ILE A 398 32.06 5.49 -4.99
N GLN A 399 32.68 5.55 -3.81
CA GLN A 399 33.09 4.35 -3.06
C GLN A 399 32.25 4.18 -1.80
N LEU A 400 31.41 3.14 -1.77
CA LEU A 400 30.50 2.88 -0.64
C LEU A 400 31.31 2.68 0.65
N PRO A 401 30.76 3.07 1.81
CA PRO A 401 29.41 3.62 2.11
C PRO A 401 29.12 5.03 1.56
N PHE A 402 27.87 5.22 1.11
CA PHE A 402 27.36 6.50 0.61
C PHE A 402 26.04 6.83 1.33
N ILE A 403 25.96 8.03 1.90
CA ILE A 403 24.76 8.49 2.63
C ILE A 403 24.37 9.92 2.20
N LEU A 404 23.17 10.06 1.64
CA LEU A 404 22.70 11.35 1.13
C LEU A 404 21.40 11.74 1.82
N GLN A 405 21.45 12.78 2.65
CA GLN A 405 20.28 13.20 3.40
C GLN A 405 19.89 14.64 3.10
S SO4 B . -6.53 19.74 -18.39
O1 SO4 B . -6.45 19.20 -17.03
O2 SO4 B . -7.40 18.89 -19.21
O3 SO4 B . -7.10 21.10 -18.33
O4 SO4 B . -5.20 19.80 -18.97
C1 EDO C . -9.41 -4.42 8.79
O1 EDO C . -9.00 -3.25 8.05
C2 EDO C . -8.25 -5.34 9.16
O2 EDO C . -7.94 -6.23 8.07
#